data_1C23
#
_entry.id   1C23
#
_cell.length_a   39.221
_cell.length_b   67.518
_cell.length_c   48.823
_cell.angle_alpha   90.00
_cell.angle_beta   111.20
_cell.angle_gamma   90.00
#
_symmetry.space_group_name_H-M   'P 1 21 1'
#
loop_
_entity.id
_entity.type
_entity.pdbx_description
1 polymer 'METHIONINE AMINOPEPTIDASE'
2 non-polymer 'COBALT (II) ION'
3 non-polymer 'SODIUM ION'
4 non-polymer '(1-AMINO-3-METHYLSULFANYL-PROPYL)-PHOSPHONIC ACID'
5 water water
#
_entity_poly.entity_id   1
_entity_poly.type   'polypeptide(L)'
_entity_poly.pdbx_seq_one_letter_code
;AISIKTPEDIEKMRVAGRLAAEVLEMIEPYVKPGVSTGELDRICNDYIVNEQHAVSACLGYHGYPKSVCISINEVVCHGI
PDDAKLLKDGDIVNIDVTVIKDGFHGDTSKMFIVGKPTIMGERLCRITQESLYLALRMVKPGINLREIGAAIQKFVEAEG
FSVVREYCGHGIGQGFHEEPQVLHYDSRETNVVLKPGMTFTIEPMVNAGKKEIRTMKDGWTVKTKDRSLSAQYEHTIVVT
DNGCEILTLRKDDTIPAIISHDE
;
_entity_poly.pdbx_strand_id   A
#
# COMPACT_ATOMS: atom_id res chain seq x y z
N ALA A 1 -5.08 -22.06 -2.64
CA ALA A 1 -4.48 -21.98 -1.31
C ALA A 1 -3.32 -21.01 -1.26
N ILE A 2 -2.66 -20.99 -0.11
CA ILE A 2 -1.53 -20.12 0.08
C ILE A 2 -0.29 -20.75 -0.51
N SER A 3 0.30 -20.01 -1.45
CA SER A 3 1.51 -20.42 -2.14
C SER A 3 2.77 -20.08 -1.34
N ILE A 4 3.70 -21.01 -1.30
CA ILE A 4 4.95 -20.77 -0.59
C ILE A 4 5.99 -20.50 -1.65
N LYS A 5 6.70 -19.39 -1.53
CA LYS A 5 7.65 -19.05 -2.55
C LYS A 5 8.94 -19.80 -2.42
N THR A 6 9.56 -20.16 -3.54
CA THR A 6 10.85 -20.83 -3.47
C THR A 6 11.86 -19.73 -3.38
N PRO A 7 13.12 -20.07 -3.09
CA PRO A 7 14.15 -19.05 -3.01
C PRO A 7 14.33 -18.33 -4.34
N GLU A 8 14.10 -19.04 -5.44
CA GLU A 8 14.24 -18.42 -6.73
C GLU A 8 13.07 -17.46 -6.93
N ASP A 9 11.88 -17.83 -6.44
CA ASP A 9 10.73 -16.96 -6.55
C ASP A 9 11.02 -15.68 -5.79
N ILE A 10 11.61 -15.85 -4.64
CA ILE A 10 11.91 -14.73 -3.79
C ILE A 10 12.88 -13.76 -4.40
N GLU A 11 13.86 -14.27 -5.11
CA GLU A 11 14.80 -13.38 -5.74
C GLU A 11 14.14 -12.49 -6.79
N LYS A 12 13.13 -13.08 -7.47
CA LYS A 12 12.40 -12.34 -8.48
C LYS A 12 11.50 -11.31 -7.83
N MET A 13 10.99 -11.63 -6.65
CA MET A 13 10.14 -10.68 -5.96
C MET A 13 10.91 -9.47 -5.43
N ARG A 14 12.19 -9.68 -5.09
CA ARG A 14 13.06 -8.60 -4.60
C ARG A 14 13.27 -7.60 -5.73
N VAL A 15 13.37 -8.08 -6.95
CA VAL A 15 13.59 -7.19 -8.07
C VAL A 15 12.34 -6.38 -8.34
N ALA A 16 11.18 -7.04 -8.44
CA ALA A 16 9.89 -6.40 -8.70
C ALA A 16 9.57 -5.43 -7.59
N GLY A 17 9.94 -5.82 -6.39
CA GLY A 17 9.69 -5.03 -5.23
C GLY A 17 10.50 -3.74 -5.25
N ARG A 18 11.77 -3.88 -5.59
CA ARG A 18 12.64 -2.73 -5.67
C ARG A 18 12.20 -1.82 -6.83
N LEU A 19 11.73 -2.39 -7.96
CA LEU A 19 11.26 -1.60 -9.10
C LEU A 19 10.08 -0.71 -8.67
N ALA A 20 9.14 -1.31 -7.94
CA ALA A 20 7.98 -0.56 -7.52
C ALA A 20 8.33 0.55 -6.56
N ALA A 21 9.28 0.24 -5.71
CA ALA A 21 9.71 1.21 -4.72
C ALA A 21 10.34 2.40 -5.42
N GLU A 22 11.10 2.09 -6.46
CA GLU A 22 11.77 3.12 -7.21
C GLU A 22 10.87 4.12 -7.94
N VAL A 23 9.70 3.68 -8.40
CA VAL A 23 8.76 4.59 -9.05
C VAL A 23 8.33 5.65 -8.03
N LEU A 24 8.11 5.20 -6.78
CA LEU A 24 7.72 6.09 -5.71
C LEU A 24 8.84 7.05 -5.38
N GLU A 25 10.06 6.56 -5.41
CA GLU A 25 11.12 7.50 -5.10
C GLU A 25 11.27 8.53 -6.19
N MET A 26 11.10 8.08 -7.40
CA MET A 26 11.27 8.90 -8.57
C MET A 26 10.27 10.03 -8.73
N ILE A 27 9.04 9.75 -8.37
CA ILE A 27 7.97 10.70 -8.63
C ILE A 27 7.91 11.91 -7.70
N GLU A 28 8.50 11.72 -6.55
CA GLU A 28 8.45 12.74 -5.56
C GLU A 28 8.56 14.20 -6.01
N PRO A 29 9.59 14.53 -6.76
CA PRO A 29 9.77 15.89 -7.18
C PRO A 29 8.64 16.41 -8.02
N TYR A 30 7.84 15.51 -8.59
CA TYR A 30 6.78 16.03 -9.41
C TYR A 30 5.51 16.33 -8.69
N VAL A 31 5.48 15.95 -7.43
CA VAL A 31 4.28 16.13 -6.66
C VAL A 31 4.18 17.56 -6.11
N LYS A 32 3.53 18.44 -6.87
CA LYS A 32 3.42 19.80 -6.40
C LYS A 32 2.11 20.43 -6.76
N PRO A 33 1.81 21.54 -6.14
CA PRO A 33 0.55 22.20 -6.44
C PRO A 33 0.43 22.53 -7.92
N GLY A 34 -0.75 22.27 -8.51
CA GLY A 34 -0.95 22.57 -9.92
C GLY A 34 -0.66 21.39 -10.83
N VAL A 35 -0.08 20.30 -10.34
CA VAL A 35 0.13 19.18 -11.25
C VAL A 35 -1.17 18.36 -11.26
N SER A 36 -1.51 17.74 -12.40
CA SER A 36 -2.74 16.96 -12.39
C SER A 36 -2.43 15.49 -12.03
N THR A 37 -3.40 14.71 -11.57
CA THR A 37 -3.08 13.32 -11.30
C THR A 37 -2.82 12.51 -12.59
N GLY A 38 -3.45 12.96 -13.70
CA GLY A 38 -3.29 12.33 -15.02
C GLY A 38 -1.84 12.44 -15.46
N GLU A 39 -1.23 13.59 -15.16
CA GLU A 39 0.16 13.76 -15.50
C GLU A 39 1.08 12.86 -14.68
N LEU A 40 0.79 12.72 -13.37
CA LEU A 40 1.63 11.85 -12.54
C LEU A 40 1.56 10.41 -13.05
N ASP A 41 0.37 10.01 -13.48
CA ASP A 41 0.16 8.69 -14.00
C ASP A 41 1.00 8.45 -15.26
N ARG A 42 1.00 9.44 -16.17
CA ARG A 42 1.80 9.30 -17.39
C ARG A 42 3.29 9.22 -17.08
N ILE A 43 3.75 10.06 -16.16
CA ILE A 43 5.15 10.00 -15.81
C ILE A 43 5.49 8.62 -15.26
N CYS A 44 4.65 8.12 -14.36
CA CYS A 44 4.91 6.81 -13.79
C CYS A 44 4.98 5.73 -14.84
N ASN A 45 3.98 5.73 -15.73
CA ASN A 45 3.90 4.75 -16.80
C ASN A 45 5.09 4.75 -17.76
N ASP A 46 5.55 5.94 -18.11
CA ASP A 46 6.68 6.06 -18.99
C ASP A 46 7.92 5.44 -18.39
N TYR A 47 8.08 5.72 -17.10
CA TYR A 47 9.24 5.23 -16.37
C TYR A 47 9.25 3.71 -16.32
N ILE A 48 8.12 3.15 -15.91
CA ILE A 48 7.93 1.71 -15.80
C ILE A 48 8.26 1.01 -17.10
N VAL A 49 7.65 1.47 -18.17
CA VAL A 49 7.83 0.87 -19.46
C VAL A 49 9.12 1.16 -20.16
N ASN A 50 9.45 2.43 -20.20
CA ASN A 50 10.63 2.84 -20.93
C ASN A 50 11.94 2.74 -20.21
N GLU A 51 11.93 2.98 -18.94
CA GLU A 51 13.22 2.88 -18.28
C GLU A 51 13.36 1.56 -17.61
N GLN A 52 12.37 1.19 -16.85
CA GLN A 52 12.48 -0.06 -16.16
C GLN A 52 12.29 -1.26 -17.06
N HIS A 53 11.64 -1.08 -18.19
CA HIS A 53 11.39 -2.26 -19.00
C HIS A 53 10.52 -3.27 -18.28
N ALA A 54 9.60 -2.75 -17.50
CA ALA A 54 8.66 -3.57 -16.79
C ALA A 54 7.24 -3.27 -17.27
N VAL A 55 6.26 -3.66 -16.48
CA VAL A 55 4.90 -3.42 -16.87
C VAL A 55 4.04 -3.07 -15.66
N SER A 56 3.01 -2.23 -15.81
CA SER A 56 2.15 -1.90 -14.70
C SER A 56 1.11 -3.01 -14.57
N ALA A 57 0.90 -3.50 -13.35
CA ALA A 57 -0.07 -4.57 -13.18
C ALA A 57 -1.48 -4.05 -13.23
N CYS A 58 -1.61 -2.73 -13.11
CA CYS A 58 -2.93 -2.14 -13.04
C CYS A 58 -3.69 -1.98 -14.36
N LEU A 59 -2.93 -1.61 -15.37
CA LEU A 59 -3.45 -1.30 -16.67
C LEU A 59 -4.22 -2.47 -17.26
N GLY A 60 -5.55 -2.36 -17.33
CA GLY A 60 -6.35 -3.43 -17.88
C GLY A 60 -6.86 -4.47 -16.87
N TYR A 61 -6.37 -4.41 -15.62
CA TYR A 61 -6.78 -5.36 -14.59
C TYR A 61 -8.26 -5.18 -14.30
N HIS A 62 -9.08 -6.17 -14.61
CA HIS A 62 -10.53 -6.02 -14.45
C HIS A 62 -11.01 -4.76 -15.20
N GLY A 63 -10.26 -4.32 -16.22
CA GLY A 63 -10.68 -3.15 -16.95
C GLY A 63 -10.13 -1.81 -16.42
N TYR A 64 -9.36 -1.84 -15.35
CA TYR A 64 -8.78 -0.60 -14.82
C TYR A 64 -8.05 0.10 -15.96
N PRO A 65 -8.42 1.35 -16.19
CA PRO A 65 -7.91 2.11 -17.31
C PRO A 65 -6.56 2.80 -17.21
N LYS A 66 -5.96 2.88 -16.03
CA LYS A 66 -4.70 3.62 -15.88
C LYS A 66 -3.57 2.77 -15.36
N SER A 67 -2.40 3.38 -15.19
CA SER A 67 -1.25 2.61 -14.74
C SER A 67 -1.01 2.53 -13.25
N VAL A 68 -1.45 3.54 -12.51
CA VAL A 68 -1.28 3.60 -11.06
C VAL A 68 -2.60 4.09 -10.47
N CYS A 69 -2.71 4.03 -9.15
CA CYS A 69 -3.89 4.54 -8.47
C CYS A 69 -3.44 5.73 -7.65
N ILE A 70 -4.18 6.82 -7.78
CA ILE A 70 -3.82 8.03 -7.04
C ILE A 70 -5.04 8.49 -6.25
N SER A 71 -4.97 8.45 -4.93
CA SER A 71 -6.11 8.80 -4.13
C SER A 71 -5.85 10.05 -3.31
N ILE A 72 -6.64 11.09 -3.54
CA ILE A 72 -6.52 12.33 -2.84
C ILE A 72 -7.49 12.53 -1.72
N ASN A 73 -6.98 12.99 -0.56
CA ASN A 73 -7.77 13.36 0.61
C ASN A 73 -8.76 12.30 1.09
N GLU A 74 -10.05 12.58 0.88
CA GLU A 74 -11.12 11.66 1.30
C GLU A 74 -11.20 10.37 0.43
N VAL A 75 -10.50 10.33 -0.70
CA VAL A 75 -10.50 9.10 -1.46
C VAL A 75 -9.67 8.11 -0.64
N VAL A 76 -10.30 6.96 -0.36
CA VAL A 76 -9.71 5.88 0.41
C VAL A 76 -8.63 5.12 -0.34
N CYS A 77 -9.05 4.61 -1.49
CA CYS A 77 -8.14 3.87 -2.34
C CYS A 77 -8.71 3.80 -3.72
N HIS A 78 -7.86 3.34 -4.63
CA HIS A 78 -8.25 3.11 -6.01
C HIS A 78 -8.64 4.32 -6.80
N GLY A 79 -8.20 5.53 -6.38
CA GLY A 79 -8.54 6.72 -7.13
C GLY A 79 -7.96 6.62 -8.55
N ILE A 80 -8.75 6.99 -9.54
CA ILE A 80 -8.33 6.95 -10.93
C ILE A 80 -7.67 8.25 -11.39
N PRO A 81 -6.43 8.19 -11.89
CA PRO A 81 -5.79 9.42 -12.33
C PRO A 81 -6.65 10.15 -13.38
N ASP A 82 -6.57 11.47 -13.41
CA ASP A 82 -7.39 12.22 -14.34
C ASP A 82 -6.71 13.53 -14.62
N ASP A 83 -6.71 13.92 -15.88
CA ASP A 83 -6.10 15.18 -16.34
C ASP A 83 -6.72 16.41 -15.71
N ALA A 84 -7.97 16.29 -15.31
CA ALA A 84 -8.76 17.35 -14.69
C ALA A 84 -8.54 17.54 -13.20
N LYS A 85 -8.03 16.51 -12.51
CA LYS A 85 -7.79 16.60 -11.07
C LYS A 85 -6.41 17.21 -10.72
N LEU A 86 -6.42 18.48 -10.32
CA LEU A 86 -5.20 19.21 -9.97
C LEU A 86 -4.96 19.22 -8.45
N LEU A 87 -3.70 19.08 -8.08
CA LEU A 87 -3.30 19.08 -6.67
C LEU A 87 -3.19 20.50 -6.16
N LYS A 88 -3.52 20.67 -4.87
CA LYS A 88 -3.53 21.96 -4.18
C LYS A 88 -2.70 21.86 -2.91
N ASP A 89 -2.35 23.02 -2.37
CA ASP A 89 -1.59 23.08 -1.15
C ASP A 89 -2.40 22.40 -0.09
N GLY A 90 -1.76 21.58 0.75
CA GLY A 90 -2.49 20.94 1.81
C GLY A 90 -3.06 19.60 1.45
N ASP A 91 -3.18 19.25 0.18
CA ASP A 91 -3.71 17.91 -0.16
C ASP A 91 -2.76 16.79 0.34
N ILE A 92 -3.32 15.64 0.69
CA ILE A 92 -2.50 14.48 1.05
C ILE A 92 -2.83 13.52 -0.08
N VAL A 93 -1.83 12.90 -0.65
CA VAL A 93 -2.15 12.06 -1.75
C VAL A 93 -1.40 10.73 -1.68
N ASN A 94 -2.12 9.68 -2.00
CA ASN A 94 -1.52 8.36 -2.01
C ASN A 94 -1.23 7.96 -3.44
N ILE A 95 -0.04 7.44 -3.71
CA ILE A 95 0.27 6.91 -5.03
C ILE A 95 0.54 5.42 -4.80
N ASP A 96 -0.25 4.55 -5.40
CA ASP A 96 -0.14 3.12 -5.24
C ASP A 96 0.32 2.50 -6.53
N VAL A 97 1.48 1.87 -6.50
CA VAL A 97 2.06 1.29 -7.69
C VAL A 97 2.21 -0.23 -7.60
N THR A 98 1.95 -0.93 -8.69
CA THR A 98 2.15 -2.39 -8.70
C THR A 98 2.81 -2.69 -10.02
N VAL A 99 4.02 -3.17 -9.96
CA VAL A 99 4.78 -3.45 -11.16
C VAL A 99 4.97 -4.96 -11.33
N ILE A 100 5.01 -5.39 -12.59
CA ILE A 100 5.28 -6.77 -12.96
C ILE A 100 6.61 -6.84 -13.70
N LYS A 101 7.50 -7.70 -13.21
CA LYS A 101 8.80 -7.97 -13.79
C LYS A 101 9.09 -9.49 -13.70
N ASP A 102 9.42 -10.04 -14.84
CA ASP A 102 9.69 -11.46 -14.97
C ASP A 102 8.59 -12.27 -14.36
N GLY A 103 7.36 -11.82 -14.58
CA GLY A 103 6.18 -12.48 -14.12
C GLY A 103 5.87 -12.31 -12.62
N PHE A 104 6.71 -11.59 -11.84
CA PHE A 104 6.41 -11.42 -10.39
C PHE A 104 5.94 -10.00 -10.09
N HIS A 105 5.02 -9.88 -9.14
CA HIS A 105 4.48 -8.60 -8.76
C HIS A 105 5.16 -7.95 -7.54
N GLY A 106 5.19 -6.61 -7.55
CA GLY A 106 5.70 -5.78 -6.44
C GLY A 106 4.60 -4.71 -6.20
N ASP A 107 3.95 -4.67 -5.01
CA ASP A 107 2.85 -3.75 -4.70
C ASP A 107 3.20 -2.82 -3.54
N THR A 108 3.14 -1.50 -3.72
CA THR A 108 3.50 -0.59 -2.65
C THR A 108 2.89 0.77 -2.87
N SER A 109 2.75 1.50 -1.76
CA SER A 109 2.16 2.85 -1.80
C SER A 109 2.66 3.69 -0.65
N LYS A 110 2.54 5.00 -0.84
CA LYS A 110 2.90 5.95 0.21
C LYS A 110 2.12 7.22 0.04
N MET A 111 2.07 7.99 1.12
CA MET A 111 1.38 9.26 1.08
C MET A 111 2.39 10.37 0.77
N PHE A 112 1.90 11.35 0.06
CA PHE A 112 2.69 12.54 -0.22
C PHE A 112 1.86 13.70 0.27
N ILE A 113 2.52 14.70 0.81
CA ILE A 113 1.81 15.91 1.27
C ILE A 113 2.13 17.02 0.29
N VAL A 114 1.10 17.64 -0.28
CA VAL A 114 1.35 18.68 -1.28
C VAL A 114 1.51 20.06 -0.65
N GLY A 115 2.60 20.69 -1.04
CA GLY A 115 2.89 22.02 -0.54
C GLY A 115 2.89 22.09 0.99
N LYS A 116 2.18 23.06 1.54
CA LYS A 116 2.12 23.23 2.98
C LYS A 116 1.10 22.32 3.63
N PRO A 117 1.61 21.44 4.50
CA PRO A 117 0.76 20.47 5.18
C PRO A 117 -0.17 21.11 6.16
N THR A 118 -1.26 20.39 6.42
CA THR A 118 -2.27 20.77 7.40
C THR A 118 -1.91 19.94 8.63
N ILE A 119 -2.40 20.33 9.79
CA ILE A 119 -2.08 19.61 11.00
C ILE A 119 -2.65 18.17 10.95
N MET A 120 -3.91 18.06 10.58
CA MET A 120 -4.62 16.80 10.46
C MET A 120 -3.94 15.90 9.43
N GLY A 121 -3.66 16.49 8.31
CA GLY A 121 -3.04 15.72 7.25
C GLY A 121 -1.71 15.10 7.69
N GLU A 122 -0.81 15.88 8.28
CA GLU A 122 0.46 15.35 8.70
C GLU A 122 0.29 14.28 9.78
N ARG A 123 -0.53 14.62 10.76
CA ARG A 123 -0.79 13.69 11.80
C ARG A 123 -1.32 12.35 11.27
N LEU A 124 -2.33 12.43 10.40
CA LEU A 124 -2.92 11.21 9.86
C LEU A 124 -1.93 10.35 9.09
N CYS A 125 -1.09 10.98 8.29
CA CYS A 125 -0.12 10.22 7.55
C CYS A 125 0.86 9.54 8.50
N ARG A 126 1.32 10.32 9.47
CA ARG A 126 2.26 9.72 10.40
C ARG A 126 1.75 8.48 11.14
N ILE A 127 0.56 8.60 11.67
CA ILE A 127 -0.03 7.53 12.44
C ILE A 127 -0.27 6.29 11.57
N THR A 128 -0.66 6.54 10.33
CA THR A 128 -0.90 5.46 9.39
C THR A 128 0.40 4.71 9.09
N GLN A 129 1.46 5.44 8.85
CA GLN A 129 2.72 4.79 8.61
C GLN A 129 3.16 3.97 9.83
N GLU A 130 3.05 4.58 11.02
CA GLU A 130 3.44 3.91 12.28
C GLU A 130 2.65 2.65 12.48
N SER A 131 1.38 2.67 12.09
CA SER A 131 0.57 1.46 12.26
C SER A 131 1.07 0.36 11.31
N LEU A 132 1.60 0.77 10.17
CA LEU A 132 2.10 -0.25 9.27
C LEU A 132 3.43 -0.79 9.81
N TYR A 133 4.24 0.12 10.33
CA TYR A 133 5.52 -0.32 10.85
C TYR A 133 5.32 -1.29 12.02
N LEU A 134 4.35 -0.97 12.84
CA LEU A 134 4.07 -1.80 14.02
C LEU A 134 3.76 -3.23 13.62
N ALA A 135 2.91 -3.34 12.60
CA ALA A 135 2.55 -4.64 12.07
C ALA A 135 3.75 -5.38 11.51
N LEU A 136 4.61 -4.61 10.84
CA LEU A 136 5.79 -5.23 10.25
C LEU A 136 6.67 -5.87 11.29
N ARG A 137 6.75 -5.16 12.41
CA ARG A 137 7.59 -5.62 13.50
C ARG A 137 7.12 -6.90 14.16
N MET A 138 5.87 -7.25 13.94
CA MET A 138 5.32 -8.44 14.55
C MET A 138 5.44 -9.69 13.68
N VAL A 139 5.63 -9.49 12.40
CA VAL A 139 5.69 -10.61 11.48
C VAL A 139 6.82 -11.63 11.76
N LYS A 140 6.43 -12.89 11.93
CA LYS A 140 7.37 -13.97 12.12
C LYS A 140 6.64 -15.28 12.02
N PRO A 141 7.39 -16.33 11.77
CA PRO A 141 6.72 -17.61 11.63
C PRO A 141 6.01 -18.06 12.90
N GLY A 142 4.86 -18.73 12.74
CA GLY A 142 4.15 -19.24 13.89
C GLY A 142 3.08 -18.32 14.47
N ILE A 143 3.13 -17.03 14.10
CA ILE A 143 2.18 -16.09 14.64
C ILE A 143 0.95 -16.15 13.76
N ASN A 144 -0.24 -15.87 14.35
CA ASN A 144 -1.48 -15.82 13.60
C ASN A 144 -1.74 -14.41 13.08
N LEU A 145 -2.16 -14.35 11.80
CA LEU A 145 -2.46 -13.06 11.16
C LEU A 145 -3.43 -12.24 12.01
N ARG A 146 -4.37 -12.94 12.68
CA ARG A 146 -5.34 -12.23 13.53
C ARG A 146 -4.68 -11.24 14.48
N GLU A 147 -3.58 -11.65 15.07
CA GLU A 147 -2.89 -10.81 16.02
C GLU A 147 -2.41 -9.52 15.38
N ILE A 148 -2.01 -9.56 14.13
CA ILE A 148 -1.53 -8.35 13.52
C ILE A 148 -2.64 -7.33 13.26
N GLY A 149 -3.77 -7.81 12.80
CA GLY A 149 -4.89 -6.93 12.51
C GLY A 149 -5.37 -6.27 13.77
N ALA A 150 -5.42 -7.08 14.82
CA ALA A 150 -5.87 -6.57 16.10
C ALA A 150 -4.89 -5.47 16.63
N ALA A 151 -3.59 -5.68 16.47
CA ALA A 151 -2.65 -4.66 16.96
C ALA A 151 -2.79 -3.32 16.20
N ILE A 152 -2.96 -3.40 14.87
CA ILE A 152 -3.13 -2.24 14.06
C ILE A 152 -4.36 -1.50 14.56
N GLN A 153 -5.46 -2.22 14.65
CA GLN A 153 -6.69 -1.61 15.11
C GLN A 153 -6.56 -0.94 16.45
N LYS A 154 -6.03 -1.66 17.41
CA LYS A 154 -5.93 -1.07 18.71
C LYS A 154 -5.10 0.21 18.67
N PHE A 155 -4.05 0.19 17.86
CA PHE A 155 -3.16 1.34 17.79
C PHE A 155 -3.87 2.56 17.23
N VAL A 156 -4.44 2.33 16.10
CA VAL A 156 -5.16 3.37 15.39
C VAL A 156 -6.29 3.97 16.17
N GLU A 157 -7.12 3.14 16.79
CA GLU A 157 -8.26 3.62 17.54
C GLU A 157 -7.83 4.42 18.75
N ALA A 158 -6.72 4.01 19.37
CA ALA A 158 -6.17 4.70 20.52
C ALA A 158 -5.76 6.10 20.14
N GLU A 159 -5.46 6.33 18.87
CA GLU A 159 -5.06 7.64 18.41
C GLU A 159 -6.22 8.49 17.95
N GLY A 160 -7.45 8.01 18.11
CA GLY A 160 -8.65 8.72 17.75
C GLY A 160 -9.09 8.57 16.31
N PHE A 161 -8.50 7.63 15.58
CA PHE A 161 -8.85 7.42 14.20
C PHE A 161 -9.60 6.13 13.98
N SER A 162 -9.94 5.81 12.75
CA SER A 162 -10.67 4.57 12.51
C SER A 162 -10.04 3.75 11.38
N VAL A 163 -10.27 2.42 11.41
CA VAL A 163 -9.66 1.59 10.36
C VAL A 163 -10.68 1.08 9.39
N VAL A 164 -10.39 1.17 8.09
CA VAL A 164 -11.31 0.70 7.05
C VAL A 164 -11.40 -0.82 7.07
N ARG A 165 -12.63 -1.36 7.08
CA ARG A 165 -12.74 -2.81 7.16
C ARG A 165 -12.69 -3.57 5.88
N GLU A 166 -13.31 -2.96 4.89
CA GLU A 166 -13.50 -3.53 3.55
C GLU A 166 -12.33 -3.89 2.68
N TYR A 167 -11.30 -3.09 2.70
CA TYR A 167 -10.22 -3.42 1.81
C TYR A 167 -9.10 -3.88 2.70
N CYS A 168 -8.22 -4.75 2.19
CA CYS A 168 -7.19 -5.29 3.03
C CYS A 168 -5.95 -5.72 2.26
N GLY A 169 -4.92 -6.20 2.97
CA GLY A 169 -3.69 -6.69 2.36
C GLY A 169 -3.98 -8.04 1.71
N HIS A 170 -3.01 -8.61 1.01
CA HIS A 170 -3.29 -9.85 0.32
C HIS A 170 -2.01 -10.56 -0.05
N GLY A 171 -2.12 -11.85 -0.32
CA GLY A 171 -0.96 -12.54 -0.77
C GLY A 171 -0.65 -11.96 -2.15
N ILE A 172 0.56 -12.15 -2.60
CA ILE A 172 0.98 -11.62 -3.89
C ILE A 172 2.15 -12.42 -4.39
N GLY A 173 2.31 -12.55 -5.70
CA GLY A 173 3.44 -13.29 -6.24
C GLY A 173 3.33 -13.27 -7.75
N GLN A 174 3.05 -14.45 -8.31
CA GLN A 174 2.82 -14.58 -9.73
C GLN A 174 1.45 -13.98 -9.96
N GLY A 175 0.64 -14.04 -8.94
CA GLY A 175 -0.71 -13.47 -8.97
C GLY A 175 -0.68 -12.09 -8.29
N PHE A 176 -1.56 -11.20 -8.69
CA PHE A 176 -1.61 -9.87 -8.09
C PHE A 176 -2.21 -9.95 -6.69
N HIS A 177 -3.37 -10.58 -6.60
CA HIS A 177 -4.03 -10.71 -5.33
C HIS A 177 -4.22 -12.17 -4.99
N GLU A 178 -3.34 -12.74 -4.19
CA GLU A 178 -3.46 -14.14 -3.82
C GLU A 178 -3.91 -14.27 -2.37
N GLU A 179 -4.16 -15.51 -1.93
CA GLU A 179 -4.51 -15.73 -0.54
C GLU A 179 -3.24 -15.47 0.21
N PRO A 180 -3.36 -15.02 1.44
CA PRO A 180 -4.61 -14.81 2.08
C PRO A 180 -5.00 -13.34 2.08
N GLN A 181 -6.21 -13.10 2.63
CA GLN A 181 -6.73 -11.74 2.85
C GLN A 181 -6.07 -11.27 4.15
N VAL A 182 -5.45 -10.11 4.14
CA VAL A 182 -4.81 -9.59 5.34
C VAL A 182 -5.67 -8.48 5.88
N LEU A 183 -6.48 -8.80 6.90
CA LEU A 183 -7.38 -7.81 7.52
C LEU A 183 -6.60 -6.85 8.42
N HIS A 184 -7.01 -5.58 8.44
CA HIS A 184 -6.31 -4.61 9.29
C HIS A 184 -7.04 -4.36 10.61
N TYR A 185 -7.87 -5.32 11.01
CA TYR A 185 -8.58 -5.20 12.26
C TYR A 185 -8.76 -6.55 12.90
N ASP A 186 -9.21 -6.51 14.15
CA ASP A 186 -9.46 -7.74 14.90
C ASP A 186 -10.72 -8.44 14.45
N SER A 187 -10.57 -9.70 14.03
CA SER A 187 -11.71 -10.48 13.57
C SER A 187 -11.58 -11.92 13.97
N ARG A 188 -12.66 -12.48 14.53
CA ARG A 188 -12.66 -13.87 14.93
C ARG A 188 -12.65 -14.79 13.73
N GLU A 189 -12.97 -14.21 12.58
CA GLU A 189 -12.95 -14.96 11.33
C GLU A 189 -11.53 -15.30 10.87
N THR A 190 -10.54 -14.54 11.33
CA THR A 190 -9.16 -14.75 10.89
C THR A 190 -8.43 -15.83 11.64
N ASN A 191 -7.94 -16.84 10.91
CA ASN A 191 -7.15 -17.92 11.51
C ASN A 191 -6.10 -18.42 10.52
N VAL A 192 -4.98 -17.71 10.48
CA VAL A 192 -3.89 -18.01 9.57
C VAL A 192 -2.56 -17.91 10.27
N VAL A 193 -1.85 -19.02 10.31
CA VAL A 193 -0.55 -19.08 10.93
C VAL A 193 0.52 -18.84 9.88
N LEU A 194 1.40 -17.91 10.17
CA LEU A 194 2.45 -17.61 9.20
C LEU A 194 3.56 -18.66 9.13
N LYS A 195 4.08 -18.81 7.93
CA LYS A 195 5.18 -19.73 7.68
C LYS A 195 6.18 -19.11 6.74
N PRO A 196 7.44 -19.44 6.84
CA PRO A 196 8.41 -18.82 5.99
C PRO A 196 8.14 -19.07 4.51
N GLY A 197 8.48 -18.08 3.68
CA GLY A 197 8.23 -18.23 2.24
C GLY A 197 6.87 -17.66 1.82
N MET A 198 6.07 -17.25 2.80
CA MET A 198 4.82 -16.65 2.39
C MET A 198 5.12 -15.16 2.00
N THR A 199 4.46 -14.64 0.97
CA THR A 199 4.70 -13.25 0.56
C THR A 199 3.35 -12.56 0.53
N PHE A 200 3.27 -11.41 1.16
CA PHE A 200 2.00 -10.71 1.18
C PHE A 200 2.24 -9.24 1.45
N THR A 201 1.16 -8.49 1.30
CA THR A 201 1.18 -7.05 1.57
C THR A 201 0.38 -6.73 2.84
N ILE A 202 0.75 -5.63 3.49
CA ILE A 202 0.03 -5.05 4.63
C ILE A 202 -0.22 -3.62 4.10
N GLU A 203 -1.46 -3.08 4.16
CA GLU A 203 -1.75 -1.77 3.57
C GLU A 203 -2.99 -1.13 4.20
N PRO A 204 -2.83 -0.88 5.46
CA PRO A 204 -3.88 -0.30 6.27
C PRO A 204 -4.38 1.06 5.73
N MET A 205 -5.69 1.20 5.74
CA MET A 205 -6.30 2.45 5.33
C MET A 205 -6.93 3.00 6.56
N VAL A 206 -6.52 4.21 6.92
CA VAL A 206 -7.00 4.85 8.14
C VAL A 206 -7.74 6.12 7.83
N ASN A 207 -8.85 6.29 8.52
CA ASN A 207 -9.68 7.48 8.35
C ASN A 207 -9.62 8.37 9.56
N ALA A 208 -9.55 9.67 9.27
CA ALA A 208 -9.54 10.67 10.34
C ALA A 208 -10.89 10.66 11.04
N GLY A 209 -11.94 10.34 10.30
CA GLY A 209 -13.27 10.33 10.86
C GLY A 209 -13.73 8.93 11.17
N LYS A 210 -14.93 8.60 10.67
CA LYS A 210 -15.57 7.33 10.90
C LYS A 210 -15.11 6.31 9.87
N LYS A 211 -15.26 5.05 10.24
CA LYS A 211 -14.80 3.96 9.41
C LYS A 211 -15.54 3.72 8.11
N GLU A 212 -16.81 4.13 8.04
CA GLU A 212 -17.61 3.85 6.87
C GLU A 212 -17.11 4.37 5.54
N ILE A 213 -17.29 3.57 4.49
CA ILE A 213 -16.85 3.96 3.15
C ILE A 213 -17.94 3.81 2.11
N ARG A 214 -17.68 4.37 0.95
CA ARG A 214 -18.62 4.30 -0.16
C ARG A 214 -17.88 4.22 -1.50
N THR A 215 -18.37 3.33 -2.38
CA THR A 215 -17.84 3.14 -3.72
C THR A 215 -18.51 4.06 -4.73
N MET A 216 -17.70 4.77 -5.51
CA MET A 216 -18.22 5.71 -6.47
C MET A 216 -18.80 4.99 -7.68
N LYS A 217 -19.54 5.74 -8.50
CA LYS A 217 -20.16 5.20 -9.71
C LYS A 217 -19.15 4.70 -10.75
N ASP A 218 -17.88 5.14 -10.66
CA ASP A 218 -16.88 4.70 -11.61
C ASP A 218 -16.50 3.25 -11.37
N GLY A 219 -16.90 2.75 -10.22
CA GLY A 219 -16.67 1.37 -9.87
C GLY A 219 -15.30 1.08 -9.27
N TRP A 220 -14.52 2.11 -8.98
CA TRP A 220 -13.21 1.89 -8.44
C TRP A 220 -12.95 2.78 -7.25
N THR A 221 -13.18 4.05 -7.48
CA THR A 221 -12.94 5.03 -6.44
C THR A 221 -13.67 4.78 -5.12
N VAL A 222 -12.92 4.80 -4.03
CA VAL A 222 -13.54 4.59 -2.75
C VAL A 222 -13.37 5.84 -1.92
N LYS A 223 -14.44 6.30 -1.27
CA LYS A 223 -14.35 7.50 -0.44
C LYS A 223 -14.90 7.26 0.94
N THR A 224 -14.52 8.10 1.88
CA THR A 224 -15.05 7.92 3.21
C THR A 224 -16.51 8.36 3.20
N LYS A 225 -17.38 7.75 3.98
CA LYS A 225 -18.77 8.20 3.99
C LYS A 225 -18.90 9.59 4.60
N ASP A 226 -18.08 9.90 5.59
CA ASP A 226 -18.21 11.21 6.16
C ASP A 226 -17.33 12.28 5.55
N ARG A 227 -16.65 11.96 4.46
CA ARG A 227 -15.78 12.92 3.82
C ARG A 227 -14.55 13.30 4.61
N SER A 228 -14.25 12.55 5.66
CA SER A 228 -13.02 12.86 6.39
C SER A 228 -11.82 12.38 5.55
N LEU A 229 -10.61 12.82 5.92
CA LEU A 229 -9.42 12.42 5.20
C LEU A 229 -9.09 10.95 5.46
N SER A 230 -8.47 10.32 4.48
CA SER A 230 -8.09 8.95 4.66
C SER A 230 -6.66 8.76 4.17
N ALA A 231 -5.90 7.98 4.90
CA ALA A 231 -4.52 7.74 4.53
C ALA A 231 -4.18 6.23 4.46
N GLN A 232 -3.17 5.90 3.66
CA GLN A 232 -2.74 4.53 3.48
C GLN A 232 -1.28 4.40 3.11
N TYR A 233 -0.67 3.31 3.55
CA TYR A 233 0.72 3.00 3.19
C TYR A 233 0.72 1.50 2.95
N GLU A 234 1.57 1.05 2.03
CA GLU A 234 1.64 -0.35 1.70
C GLU A 234 3.05 -0.82 1.42
N HIS A 235 3.35 -2.01 1.94
CA HIS A 235 4.61 -2.65 1.65
C HIS A 235 4.34 -4.13 1.30
N THR A 236 5.20 -4.74 0.47
CA THR A 236 5.14 -6.18 0.14
C THR A 236 6.30 -6.82 0.92
N ILE A 237 6.02 -7.92 1.62
CA ILE A 237 7.07 -8.54 2.42
C ILE A 237 7.09 -10.06 2.20
N VAL A 238 8.14 -10.68 2.69
CA VAL A 238 8.31 -12.12 2.68
C VAL A 238 8.58 -12.55 4.13
N VAL A 239 7.90 -13.61 4.59
CA VAL A 239 8.14 -14.13 5.94
C VAL A 239 9.44 -14.91 5.89
N THR A 240 10.37 -14.62 6.79
CA THR A 240 11.62 -15.35 6.77
C THR A 240 11.64 -16.31 7.94
N ASP A 241 12.77 -16.98 8.17
CA ASP A 241 12.92 -17.93 9.28
C ASP A 241 12.80 -17.30 10.66
N ASN A 242 13.20 -16.03 10.82
CA ASN A 242 13.11 -15.43 12.13
C ASN A 242 12.48 -14.06 12.08
N GLY A 243 11.65 -13.81 11.07
CA GLY A 243 11.06 -12.50 11.01
C GLY A 243 10.50 -12.21 9.62
N CYS A 244 10.95 -11.10 9.05
CA CYS A 244 10.50 -10.73 7.72
C CYS A 244 11.48 -9.84 6.98
N GLU A 245 11.25 -9.74 5.66
CA GLU A 245 12.06 -8.90 4.83
C GLU A 245 11.10 -8.03 4.02
N ILE A 246 11.38 -6.73 4.04
CA ILE A 246 10.55 -5.78 3.31
C ILE A 246 11.13 -5.59 1.96
N LEU A 247 10.40 -6.17 1.01
CA LEU A 247 10.72 -6.17 -0.41
C LEU A 247 10.58 -4.78 -1.07
N THR A 248 9.69 -3.92 -0.59
CA THR A 248 9.51 -2.63 -1.24
C THR A 248 10.05 -1.43 -0.46
N LEU A 249 11.04 -1.64 0.38
CA LEU A 249 11.62 -0.58 1.17
C LEU A 249 12.19 0.55 0.31
N ARG A 250 12.00 1.80 0.74
CA ARG A 250 12.50 2.96 0.00
C ARG A 250 13.53 3.66 0.83
N LYS A 251 14.25 4.61 0.20
CA LYS A 251 15.25 5.38 0.91
C LYS A 251 14.67 6.13 2.10
N ASP A 252 13.42 6.57 2.01
CA ASP A 252 12.79 7.35 3.06
C ASP A 252 12.12 6.51 4.14
N ASP A 253 12.13 5.18 4.01
CA ASP A 253 11.55 4.36 5.05
C ASP A 253 12.50 4.44 6.23
N THR A 254 11.97 4.40 7.47
CA THR A 254 12.83 4.47 8.64
C THR A 254 12.84 3.17 9.41
N ILE A 255 12.44 2.13 8.74
CA ILE A 255 12.41 0.83 9.37
C ILE A 255 13.48 0.04 8.64
N PRO A 256 14.17 -0.88 9.31
CA PRO A 256 15.19 -1.65 8.61
C PRO A 256 14.51 -2.63 7.69
N ALA A 257 15.20 -2.99 6.63
CA ALA A 257 14.73 -3.89 5.61
C ALA A 257 14.53 -5.32 6.08
N ILE A 258 15.38 -5.77 6.97
CA ILE A 258 15.29 -7.11 7.51
C ILE A 258 14.99 -6.98 8.99
N ILE A 259 13.88 -7.58 9.43
CA ILE A 259 13.55 -7.52 10.83
C ILE A 259 13.78 -8.90 11.44
N SER A 260 14.62 -8.99 12.46
CA SER A 260 14.92 -10.29 13.06
C SER A 260 14.47 -10.45 14.49
N HIS A 261 13.94 -11.62 14.79
CA HIS A 261 13.51 -11.86 16.15
C HIS A 261 14.45 -12.83 16.92
N ASP A 262 14.52 -12.74 18.25
CA ASP A 262 15.39 -13.61 19.04
C ASP A 262 15.36 -13.15 20.50
#